data_1IMA
#
_entry.id   1IMA
#
_cell.length_a   86.900
_cell.length_b   86.900
_cell.length_c   154.500
_cell.angle_alpha   90.00
_cell.angle_beta   90.00
_cell.angle_gamma   120.00
#
_symmetry.space_group_name_H-M   'P 32 2 1'
#
loop_
_entity.id
_entity.type
_entity.pdbx_description
1 polymer 'INOSITOL MONOPHOSPHATASE'
2 non-polymer 'GADOLINIUM ATOM'
3 non-polymer D-MYO-INOSITOL-1-PHOSPHATE
4 water water
#
_entity_poly.entity_id   1
_entity_poly.type   'polypeptide(L)'
_entity_poly.pdbx_seq_one_letter_code
;MADPWQECMDYAVTLARQAGEVVCEAIKNEMNVMLKSSPVDLVTATDQKVEKMLISSIKEKYPSHSFIGEESVAAGEKSI
LTDNPTWIIDPIDGTTNFVHRFPFVAVSIGFAVNKKIEFGVVYSCVEGKMYTARKGKGAFCNGQKLQVSQQEDITKSLLV
TELGSSRTPETVRMVLSNMEKLFCIPVHGIRSVGTAAVNMCLVATGGADAYYEMGIHCWDVAGAGIIVTEAGGVLMDVTG
GPFDLMSRRVIAANNRILAERIAKEIQVIPLQRDDED
;
_entity_poly.pdbx_strand_id   A,B
#
loop_
_chem_comp.id
_chem_comp.type
_chem_comp.name
_chem_comp.formula
GD non-polymer 'GADOLINIUM ATOM' Gd
IPD non-polymer D-MYO-INOSITOL-1-PHOSPHATE 'C6 H11 O9 P -2'
#
# COMPACT_ATOMS: atom_id res chain seq x y z
N TRP A 5 -23.95 5.67 24.97
CA TRP A 5 -23.57 5.27 23.59
C TRP A 5 -22.78 3.96 23.51
N GLN A 6 -22.36 3.42 24.66
CA GLN A 6 -21.55 2.21 24.67
C GLN A 6 -22.32 1.01 24.14
N GLU A 7 -23.63 1.04 24.31
CA GLU A 7 -24.51 0.02 23.79
C GLU A 7 -24.60 0.12 22.27
N CYS A 8 -24.76 1.34 21.77
CA CYS A 8 -24.71 1.58 20.33
C CYS A 8 -23.38 1.09 19.79
N MET A 9 -22.32 1.32 20.55
CA MET A 9 -20.99 0.99 20.08
C MET A 9 -20.78 -0.50 20.02
N ASP A 10 -21.08 -1.19 21.11
CA ASP A 10 -21.00 -2.64 21.13
C ASP A 10 -21.85 -3.22 19.99
N TYR A 11 -22.97 -2.56 19.71
CA TYR A 11 -23.82 -2.95 18.60
C TYR A 11 -23.08 -2.75 17.28
N ALA A 12 -22.49 -1.56 17.13
CA ALA A 12 -21.74 -1.18 15.94
C ALA A 12 -20.63 -2.18 15.62
N VAL A 13 -19.90 -2.61 16.64
CA VAL A 13 -18.78 -3.53 16.44
C VAL A 13 -19.26 -4.87 15.89
N THR A 14 -20.39 -5.34 16.42
CA THR A 14 -21.00 -6.60 15.99
C THR A 14 -21.49 -6.51 14.54
N LEU A 15 -22.17 -5.41 14.21
CA LEU A 15 -22.59 -5.17 12.84
C LEU A 15 -21.41 -5.13 11.86
N ALA A 16 -20.34 -4.42 12.23
CA ALA A 16 -19.24 -4.23 11.30
C ALA A 16 -18.48 -5.53 11.05
N ARG A 17 -18.40 -6.40 12.07
CA ARG A 17 -17.75 -7.70 11.89
C ARG A 17 -18.57 -8.64 11.02
N GLN A 18 -19.89 -8.59 11.19
CA GLN A 18 -20.85 -9.32 10.36
C GLN A 18 -20.75 -8.92 8.89
N ALA A 19 -20.84 -7.62 8.63
CA ALA A 19 -20.77 -7.12 7.28
C ALA A 19 -19.39 -7.40 6.68
N GLY A 20 -18.35 -7.35 7.50
CA GLY A 20 -17.00 -7.67 7.02
C GLY A 20 -16.94 -9.10 6.53
N GLU A 21 -17.66 -9.98 7.20
CA GLU A 21 -17.84 -11.34 6.70
C GLU A 21 -18.51 -11.43 5.31
N VAL A 22 -19.61 -10.71 5.13
CA VAL A 22 -20.25 -10.63 3.81
C VAL A 22 -19.26 -10.13 2.76
N VAL A 23 -18.60 -9.03 3.05
CA VAL A 23 -17.68 -8.41 2.11
C VAL A 23 -16.61 -9.39 1.70
N CYS A 24 -16.04 -10.09 2.68
CA CYS A 24 -14.87 -10.91 2.43
C CYS A 24 -15.16 -12.31 1.90
N GLU A 25 -16.43 -12.71 1.84
CA GLU A 25 -16.77 -13.89 1.06
C GLU A 25 -17.01 -13.46 -0.37
N ALA A 26 -17.71 -12.33 -0.52
CA ALA A 26 -18.00 -11.77 -1.84
C ALA A 26 -16.75 -11.53 -2.67
N ILE A 27 -15.67 -11.10 -2.02
CA ILE A 27 -14.43 -10.72 -2.71
C ILE A 27 -13.82 -11.89 -3.46
N LYS A 28 -14.19 -13.12 -3.03
CA LYS A 28 -13.67 -14.32 -3.64
C LYS A 28 -14.37 -14.71 -4.89
N ASN A 29 -15.51 -14.07 -5.15
CA ASN A 29 -16.42 -14.51 -6.21
C ASN A 29 -16.43 -13.45 -7.31
N GLU A 30 -17.02 -13.83 -8.44
CA GLU A 30 -17.17 -12.91 -9.53
C GLU A 30 -18.16 -11.80 -9.16
N MET A 31 -17.90 -10.59 -9.61
CA MET A 31 -18.84 -9.48 -9.45
C MET A 31 -19.21 -8.98 -10.83
N ASN A 32 -20.43 -8.47 -10.98
CA ASN A 32 -20.68 -7.51 -12.05
C ASN A 32 -20.51 -6.08 -11.54
N VAL A 33 -19.64 -5.36 -12.23
CA VAL A 33 -19.20 -4.04 -11.83
C VAL A 33 -20.02 -3.01 -12.57
N MET A 34 -20.41 -1.97 -11.87
CA MET A 34 -21.21 -0.91 -12.44
C MET A 34 -20.51 0.43 -12.24
N LEU A 35 -20.70 1.35 -13.17
CA LEU A 35 -20.18 2.71 -13.02
C LEU A 35 -21.23 3.61 -12.37
N LYS A 36 -20.78 4.64 -11.67
CA LYS A 36 -21.68 5.69 -11.26
C LYS A 36 -21.44 6.91 -12.14
N SER A 37 -20.71 7.89 -11.64
CA SER A 37 -20.55 9.14 -12.36
C SER A 37 -19.44 9.10 -13.42
N SER A 38 -18.58 8.10 -13.37
CA SER A 38 -17.46 8.05 -14.30
C SER A 38 -17.03 6.61 -14.49
N PRO A 39 -16.09 6.35 -15.41
CA PRO A 39 -15.56 5.01 -15.68
C PRO A 39 -14.68 4.42 -14.57
N VAL A 40 -14.22 5.28 -13.66
CA VAL A 40 -13.38 4.85 -12.55
C VAL A 40 -14.08 4.97 -11.21
N ASP A 41 -15.33 5.44 -11.24
CA ASP A 41 -16.16 5.53 -10.05
C ASP A 41 -17.09 4.31 -10.00
N LEU A 42 -16.68 3.28 -9.25
CA LEU A 42 -17.28 1.95 -9.33
C LEU A 42 -18.22 1.63 -8.18
N VAL A 43 -19.10 0.66 -8.41
CA VAL A 43 -20.02 0.18 -7.41
C VAL A 43 -20.42 -1.24 -7.80
N THR A 44 -20.63 -2.09 -6.81
CA THR A 44 -21.10 -3.44 -7.09
C THR A 44 -22.40 -3.75 -6.32
N ALA A 45 -22.93 -4.94 -6.55
CA ALA A 45 -24.11 -5.40 -5.81
C ALA A 45 -23.85 -5.52 -4.31
N THR A 46 -22.63 -5.88 -3.93
CA THR A 46 -22.29 -5.99 -2.51
C THR A 46 -22.26 -4.65 -1.76
N ASP A 47 -21.76 -3.59 -2.40
CA ASP A 47 -21.76 -2.28 -1.74
C ASP A 47 -23.19 -1.97 -1.33
N GLN A 48 -24.12 -2.16 -2.27
CA GLN A 48 -25.51 -1.80 -2.09
C GLN A 48 -26.21 -2.71 -1.07
N LYS A 49 -26.10 -4.01 -1.30
CA LYS A 49 -26.55 -5.04 -0.38
C LYS A 49 -26.11 -4.75 1.05
N VAL A 50 -24.81 -4.55 1.26
CA VAL A 50 -24.26 -4.43 2.61
C VAL A 50 -24.72 -3.17 3.31
N GLU A 51 -24.82 -2.07 2.55
CA GLU A 51 -25.35 -0.84 3.13
C GLU A 51 -26.80 -1.01 3.55
N LYS A 52 -27.58 -1.69 2.72
CA LYS A 52 -28.99 -1.93 3.03
C LYS A 52 -29.12 -2.76 4.31
N MET A 53 -28.34 -3.83 4.41
CA MET A 53 -28.38 -4.67 5.60
C MET A 53 -28.04 -3.84 6.84
N LEU A 54 -27.01 -3.01 6.72
CA LEU A 54 -26.52 -2.21 7.83
C LEU A 54 -27.56 -1.19 8.30
N ILE A 55 -28.27 -0.57 7.37
CA ILE A 55 -29.24 0.45 7.75
C ILE A 55 -30.51 -0.15 8.35
N SER A 56 -30.95 -1.27 7.78
CA SER A 56 -32.06 -2.02 8.35
C SER A 56 -31.86 -2.41 9.81
N SER A 57 -30.73 -3.03 10.12
CA SER A 57 -30.45 -3.50 11.48
C SER A 57 -30.32 -2.37 12.49
N ILE A 58 -29.70 -1.26 12.10
CA ILE A 58 -29.56 -0.15 13.02
C ILE A 58 -30.93 0.44 13.33
N LYS A 59 -31.74 0.70 12.31
CA LYS A 59 -33.00 1.38 12.54
C LYS A 59 -34.12 0.46 13.05
N GLU A 60 -33.87 -0.84 12.98
CA GLU A 60 -34.64 -1.81 13.73
C GLU A 60 -34.48 -1.52 15.20
N LYS A 61 -33.23 -1.35 15.61
CA LYS A 61 -32.90 -1.17 17.02
C LYS A 61 -32.91 0.29 17.46
N TYR A 62 -32.78 1.22 16.52
CA TYR A 62 -32.60 2.63 16.86
C TYR A 62 -33.39 3.56 15.94
N PRO A 63 -34.73 3.52 16.04
CA PRO A 63 -35.65 4.08 15.03
C PRO A 63 -35.54 5.59 14.83
N SER A 64 -35.23 6.29 15.92
CA SER A 64 -35.12 7.75 15.89
C SER A 64 -33.84 8.27 15.21
N HIS A 65 -32.82 7.41 15.14
CA HIS A 65 -31.52 7.83 14.64
C HIS A 65 -31.54 8.09 13.16
N SER A 66 -30.66 8.98 12.72
CA SER A 66 -30.47 9.27 11.31
C SER A 66 -29.31 8.49 10.67
N PHE A 67 -29.25 8.52 9.35
CA PHE A 67 -28.24 7.79 8.56
C PHE A 67 -27.71 8.65 7.41
N ILE A 68 -26.40 8.61 7.20
CA ILE A 68 -25.82 9.09 5.96
C ILE A 68 -24.98 7.94 5.44
N GLY A 69 -25.28 7.48 4.23
CA GLY A 69 -24.50 6.41 3.62
C GLY A 69 -24.18 6.74 2.18
N GLU A 70 -23.13 6.11 1.64
CA GLU A 70 -22.69 6.46 0.30
C GLU A 70 -23.72 6.10 -0.78
N GLU A 71 -24.19 4.85 -0.78
CA GLU A 71 -25.12 4.39 -1.83
C GLU A 71 -26.54 4.95 -1.64
N SER A 72 -26.94 5.19 -0.39
CA SER A 72 -28.20 5.89 -0.11
C SER A 72 -28.19 7.21 -0.85
N VAL A 73 -27.13 7.97 -0.62
CA VAL A 73 -26.97 9.28 -1.24
C VAL A 73 -26.98 9.17 -2.76
N ALA A 74 -26.37 8.12 -3.30
CA ALA A 74 -26.43 7.85 -4.74
C ALA A 74 -27.86 7.59 -5.23
N ALA A 75 -28.71 7.08 -4.35
CA ALA A 75 -30.11 6.85 -4.67
C ALA A 75 -30.97 8.07 -4.33
N GLY A 76 -30.31 9.19 -4.05
CA GLY A 76 -31.01 10.46 -3.94
C GLY A 76 -31.28 10.90 -2.51
N GLU A 77 -30.80 10.15 -1.53
CA GLU A 77 -30.78 10.65 -0.17
C GLU A 77 -29.77 11.80 -0.08
N LYS A 78 -29.95 12.68 0.89
CA LYS A 78 -29.11 13.88 0.99
C LYS A 78 -28.19 13.82 2.20
N SER A 79 -27.00 14.41 2.07
CA SER A 79 -25.98 14.29 3.12
C SER A 79 -25.94 15.50 4.00
N ILE A 80 -27.07 15.82 4.62
CA ILE A 80 -27.09 16.91 5.60
C ILE A 80 -27.00 16.37 7.03
N LEU A 81 -26.05 16.91 7.78
CA LEU A 81 -25.79 16.47 9.15
C LEU A 81 -26.54 17.36 10.14
N THR A 82 -27.26 16.74 11.07
CA THR A 82 -27.94 17.48 12.11
C THR A 82 -27.32 17.14 13.46
N ASP A 83 -27.99 17.56 14.52
CA ASP A 83 -27.49 17.27 15.87
C ASP A 83 -28.01 15.93 16.36
N ASN A 84 -28.99 15.39 15.63
CA ASN A 84 -29.55 14.07 15.89
C ASN A 84 -28.44 13.02 15.91
N PRO A 85 -28.59 11.94 16.69
CA PRO A 85 -27.68 10.81 16.52
C PRO A 85 -27.74 10.30 15.10
N THR A 86 -26.61 10.28 14.43
CA THR A 86 -26.54 9.90 13.02
C THR A 86 -25.45 8.86 12.81
N TRP A 87 -25.78 7.81 12.07
CA TRP A 87 -24.80 6.82 11.64
C TRP A 87 -24.31 7.15 10.24
N ILE A 88 -23.01 7.36 10.13
CA ILE A 88 -22.37 7.67 8.87
C ILE A 88 -21.58 6.45 8.45
N ILE A 89 -21.99 5.87 7.32
CA ILE A 89 -21.62 4.51 6.96
C ILE A 89 -21.02 4.43 5.56
N ASP A 90 -19.90 3.71 5.45
CA ASP A 90 -19.39 3.29 4.15
C ASP A 90 -19.33 1.77 4.15
N PRO A 91 -20.19 1.12 3.34
CA PRO A 91 -20.25 -0.34 3.33
C PRO A 91 -18.94 -1.01 2.87
N ILE A 92 -18.33 -0.45 1.82
CA ILE A 92 -17.01 -0.85 1.34
C ILE A 92 -16.25 0.42 0.95
N ASP A 93 -15.22 0.74 1.74
CA ASP A 93 -14.26 1.77 1.39
C ASP A 93 -13.08 1.05 0.75
N GLY A 94 -12.78 1.41 -0.49
CA GLY A 94 -11.87 0.58 -1.27
C GLY A 94 -12.57 -0.30 -2.31
N THR A 95 -13.64 0.21 -2.92
CA THR A 95 -14.41 -0.58 -3.89
C THR A 95 -13.56 -0.97 -5.10
N THR A 96 -12.68 -0.09 -5.57
CA THR A 96 -11.74 -0.45 -6.63
C THR A 96 -10.76 -1.55 -6.22
N ASN A 97 -10.35 -1.59 -4.94
CA ASN A 97 -9.54 -2.70 -4.41
C ASN A 97 -10.38 -3.96 -4.36
N PHE A 98 -11.65 -3.80 -3.98
CA PHE A 98 -12.56 -4.91 -3.83
C PHE A 98 -12.75 -5.62 -5.17
N VAL A 99 -12.99 -4.83 -6.20
CA VAL A 99 -13.22 -5.30 -7.56
C VAL A 99 -11.99 -6.04 -8.08
N HIS A 100 -10.81 -5.64 -7.60
CA HIS A 100 -9.55 -6.21 -8.07
C HIS A 100 -9.00 -7.30 -7.20
N ARG A 101 -9.56 -7.43 -5.99
CA ARG A 101 -9.02 -8.30 -4.96
C ARG A 101 -7.71 -7.80 -4.38
N PHE A 102 -7.45 -6.50 -4.49
CA PHE A 102 -6.34 -5.90 -3.77
C PHE A 102 -6.73 -5.88 -2.28
N PRO A 103 -5.92 -6.52 -1.44
CA PRO A 103 -6.33 -7.04 -0.12
C PRO A 103 -6.54 -5.97 0.98
N PHE A 104 -6.93 -4.76 0.59
CA PHE A 104 -7.25 -3.75 1.58
C PHE A 104 -8.65 -3.21 1.32
N VAL A 105 -9.62 -3.68 2.10
CA VAL A 105 -11.00 -3.16 2.06
C VAL A 105 -11.58 -3.04 3.47
N ALA A 106 -12.34 -1.99 3.72
CA ALA A 106 -12.86 -1.76 5.07
C ALA A 106 -14.34 -1.46 5.06
N VAL A 107 -14.99 -1.86 6.14
CA VAL A 107 -16.30 -1.39 6.50
C VAL A 107 -16.06 -0.25 7.49
N SER A 108 -16.77 0.85 7.33
CA SER A 108 -16.55 2.01 8.18
C SER A 108 -17.85 2.52 8.76
N ILE A 109 -17.87 2.74 10.08
CA ILE A 109 -19.02 3.29 10.77
C ILE A 109 -18.60 4.38 11.76
N GLY A 110 -19.08 5.60 11.53
CA GLY A 110 -18.94 6.64 12.53
C GLY A 110 -20.31 6.97 13.11
N PHE A 111 -20.33 7.52 14.31
CA PHE A 111 -21.57 7.85 15.00
C PHE A 111 -21.42 9.28 15.52
N ALA A 112 -22.20 10.20 14.97
CA ALA A 112 -22.15 11.60 15.42
C ALA A 112 -23.36 11.99 16.25
N VAL A 113 -23.10 12.71 17.35
CA VAL A 113 -24.15 13.34 18.17
C VAL A 113 -23.80 14.82 18.34
N ASN A 114 -24.79 15.69 18.16
CA ASN A 114 -24.58 17.14 18.08
C ASN A 114 -23.47 17.47 17.12
N LYS A 115 -23.43 16.67 16.06
CA LYS A 115 -22.54 16.84 14.92
C LYS A 115 -21.06 16.80 15.27
N LYS A 116 -20.77 16.03 16.32
CA LYS A 116 -19.41 15.62 16.68
C LYS A 116 -19.33 14.07 16.77
N ILE A 117 -18.24 13.49 16.28
CA ILE A 117 -18.05 12.03 16.28
C ILE A 117 -17.79 11.47 17.68
N GLU A 118 -18.63 10.54 18.12
CA GLU A 118 -18.54 9.94 19.45
C GLU A 118 -17.72 8.65 19.46
N PHE A 119 -18.01 7.75 18.52
CA PHE A 119 -17.22 6.54 18.35
C PHE A 119 -17.02 6.20 16.89
N GLY A 120 -16.05 5.32 16.63
CA GLY A 120 -15.77 4.90 15.28
C GLY A 120 -15.30 3.45 15.26
N VAL A 121 -15.83 2.70 14.30
CA VAL A 121 -15.43 1.32 14.07
C VAL A 121 -14.98 1.19 12.59
N VAL A 122 -13.80 0.63 12.37
CA VAL A 122 -13.30 0.36 11.01
C VAL A 122 -12.79 -1.08 10.96
N TYR A 123 -13.45 -1.90 10.15
CA TYR A 123 -13.10 -3.30 10.03
C TYR A 123 -12.42 -3.60 8.70
N SER A 124 -11.13 -3.92 8.77
CA SER A 124 -10.36 -4.28 7.59
C SER A 124 -10.42 -5.80 7.48
N CYS A 125 -11.34 -6.30 6.69
CA CYS A 125 -11.75 -7.69 6.87
C CYS A 125 -10.78 -8.73 6.33
N VAL A 126 -9.99 -8.36 5.32
CA VAL A 126 -9.02 -9.30 4.73
C VAL A 126 -7.87 -9.61 5.70
N GLU A 127 -7.50 -8.63 6.52
CA GLU A 127 -6.44 -8.80 7.52
C GLU A 127 -7.03 -9.31 8.83
N GLY A 128 -8.35 -9.21 8.98
CA GLY A 128 -8.97 -9.49 10.27
C GLY A 128 -8.59 -8.47 11.32
N LYS A 129 -8.46 -7.20 10.93
CA LYS A 129 -8.14 -6.13 11.87
C LYS A 129 -9.34 -5.25 12.17
N MET A 130 -9.75 -5.24 13.44
CA MET A 130 -10.83 -4.37 13.89
C MET A 130 -10.25 -3.17 14.65
N TYR A 131 -10.35 -1.97 14.08
CA TYR A 131 -9.97 -0.74 14.75
C TYR A 131 -11.22 -0.09 15.35
N THR A 132 -11.16 0.28 16.63
CA THR A 132 -12.30 0.93 17.28
C THR A 132 -11.77 2.09 18.12
N ALA A 133 -12.64 3.04 18.41
CA ALA A 133 -12.29 4.16 19.29
C ALA A 133 -13.53 4.86 19.80
N ARG A 134 -13.48 5.33 21.05
CA ARG A 134 -14.54 6.11 21.65
C ARG A 134 -13.94 7.36 22.29
N LYS A 135 -14.60 8.50 22.09
CA LYS A 135 -14.14 9.78 22.63
C LYS A 135 -13.76 9.65 24.10
N GLY A 136 -12.50 9.93 24.38
CA GLY A 136 -12.04 9.97 25.75
C GLY A 136 -11.69 8.61 26.31
N LYS A 137 -11.67 7.60 25.46
CA LYS A 137 -11.45 6.25 25.97
C LYS A 137 -10.36 5.47 25.24
N GLY A 138 -9.79 6.09 24.20
CA GLY A 138 -8.62 5.52 23.54
C GLY A 138 -8.93 4.80 22.25
N ALA A 139 -7.87 4.45 21.52
CA ALA A 139 -7.99 3.74 20.24
C ALA A 139 -7.32 2.40 20.36
N PHE A 140 -7.90 1.39 19.70
CA PHE A 140 -7.48 0.01 19.88
C PHE A 140 -7.51 -0.70 18.53
N CYS A 141 -6.65 -1.70 18.37
CA CYS A 141 -6.76 -2.63 17.24
C CYS A 141 -6.73 -4.06 17.75
N ASN A 142 -7.87 -4.72 17.65
CA ASN A 142 -8.03 -6.06 18.22
C ASN A 142 -7.61 -6.07 19.70
N GLY A 143 -8.10 -5.08 20.44
CA GLY A 143 -7.83 -5.03 21.86
C GLY A 143 -6.46 -4.51 22.25
N GLN A 144 -5.67 -4.06 21.27
CA GLN A 144 -4.34 -3.54 21.49
C GLN A 144 -4.35 -2.01 21.34
N LYS A 145 -3.81 -1.30 22.32
CA LYS A 145 -3.86 0.17 22.31
C LYS A 145 -2.95 0.80 21.26
N LEU A 146 -3.49 1.75 20.50
CA LEU A 146 -2.73 2.44 19.45
C LEU A 146 -2.15 3.74 19.98
N GLN A 147 -1.02 4.14 19.38
CA GLN A 147 -0.41 5.43 19.64
C GLN A 147 0.32 5.88 18.38
N VAL A 148 0.08 7.13 17.98
CA VAL A 148 0.73 7.67 16.79
C VAL A 148 2.23 7.81 17.02
N SER A 149 2.97 8.11 15.95
CA SER A 149 4.42 8.27 16.05
C SER A 149 4.81 9.59 16.73
N GLN A 150 6.09 9.75 17.00
CA GLN A 150 6.60 10.94 17.68
C GLN A 150 7.28 11.91 16.72
N GLN A 151 7.25 11.61 15.44
CA GLN A 151 8.01 12.34 14.44
C GLN A 151 7.54 13.79 14.36
N GLU A 152 8.49 14.72 14.50
CA GLU A 152 8.21 16.16 14.39
C GLU A 152 9.01 16.81 13.26
N ASP A 153 9.90 16.03 12.64
CA ASP A 153 10.74 16.51 11.57
C ASP A 153 10.22 15.93 10.26
N ILE A 154 9.65 16.80 9.42
CA ILE A 154 9.08 16.45 8.14
C ILE A 154 10.05 15.73 7.22
N THR A 155 11.34 16.01 7.32
CA THR A 155 12.31 15.42 6.40
C THR A 155 12.61 13.96 6.75
N LYS A 156 12.07 13.49 7.86
CA LYS A 156 12.21 12.10 8.26
C LYS A 156 10.86 11.39 8.41
N SER A 157 9.84 11.90 7.71
CA SER A 157 8.49 11.37 7.83
C SER A 157 8.07 10.48 6.63
N LEU A 158 7.10 9.59 6.86
CA LEU A 158 6.52 8.75 5.81
C LEU A 158 5.05 9.09 5.68
N LEU A 159 4.65 9.55 4.49
CA LEU A 159 3.28 10.02 4.25
C LEU A 159 2.47 8.97 3.51
N VAL A 160 1.15 8.98 3.74
CA VAL A 160 0.21 8.28 2.88
C VAL A 160 -0.78 9.25 2.25
N THR A 161 -1.11 8.98 0.98
CA THR A 161 -2.11 9.75 0.28
C THR A 161 -2.63 8.93 -0.90
N GLU A 162 -3.65 9.44 -1.56
CA GLU A 162 -4.28 8.71 -2.65
C GLU A 162 -4.28 9.63 -3.83
N LEU A 163 -4.10 9.08 -5.03
CA LEU A 163 -4.21 9.87 -6.28
C LEU A 163 -5.64 10.38 -6.58
N GLY A 164 -6.65 9.70 -6.03
CA GLY A 164 -8.03 10.16 -6.14
C GLY A 164 -8.83 9.62 -7.31
N SER A 165 -10.12 9.98 -7.35
CA SER A 165 -11.03 9.46 -8.38
C SER A 165 -11.28 10.39 -9.57
N SER A 166 -10.82 11.63 -9.47
CA SER A 166 -10.92 12.55 -10.58
C SER A 166 -9.92 12.17 -11.65
N ARG A 167 -10.32 12.29 -12.92
CA ARG A 167 -9.40 12.18 -14.04
C ARG A 167 -9.41 13.48 -14.85
N THR A 168 -10.07 14.50 -14.33
CA THR A 168 -9.95 15.84 -14.90
C THR A 168 -8.49 16.26 -14.88
N PRO A 169 -7.93 16.56 -16.04
CA PRO A 169 -6.50 16.88 -16.24
C PRO A 169 -5.98 17.93 -15.28
N GLU A 170 -6.77 18.99 -15.08
CA GLU A 170 -6.38 20.08 -14.20
C GLU A 170 -6.28 19.63 -12.74
N THR A 171 -7.24 18.83 -12.30
CA THR A 171 -7.21 18.28 -10.95
C THR A 171 -6.00 17.37 -10.76
N VAL A 172 -5.83 16.44 -11.69
CA VAL A 172 -4.73 15.48 -11.63
C VAL A 172 -3.35 16.15 -11.61
N ARG A 173 -3.19 17.19 -12.40
CA ARG A 173 -1.92 17.90 -12.48
C ARG A 173 -1.66 18.64 -11.16
N MET A 174 -2.72 18.98 -10.44
CA MET A 174 -2.56 19.59 -9.11
C MET A 174 -2.27 18.55 -8.02
N VAL A 175 -2.92 17.40 -8.11
CA VAL A 175 -2.67 16.29 -7.21
C VAL A 175 -1.17 15.90 -7.24
N LEU A 176 -0.63 15.75 -8.44
CA LEU A 176 0.76 15.36 -8.64
C LEU A 176 1.75 16.48 -8.34
N SER A 177 1.34 17.71 -8.64
CA SER A 177 2.11 18.88 -8.26
C SER A 177 2.30 18.94 -6.75
N ASN A 178 1.24 18.70 -5.98
CA ASN A 178 1.30 18.72 -4.52
C ASN A 178 2.19 17.59 -4.01
N MET A 179 2.19 16.47 -4.73
CA MET A 179 3.07 15.36 -4.41
C MET A 179 4.53 15.75 -4.59
N GLU A 180 4.82 16.39 -5.72
CA GLU A 180 6.19 16.79 -6.04
C GLU A 180 6.80 17.72 -4.99
N LYS A 181 6.04 18.74 -4.60
CA LYS A 181 6.45 19.65 -3.53
C LYS A 181 6.84 18.90 -2.27
N LEU A 182 5.98 18.01 -1.80
CA LEU A 182 6.26 17.26 -0.58
C LEU A 182 7.46 16.30 -0.74
N PHE A 183 7.46 15.57 -1.85
CA PHE A 183 8.50 14.57 -2.12
C PHE A 183 9.88 15.21 -2.12
N CYS A 184 9.91 16.49 -2.47
CA CYS A 184 11.16 17.20 -2.71
C CYS A 184 11.64 18.06 -1.53
N ILE A 185 10.92 17.99 -0.41
CA ILE A 185 11.34 18.68 0.78
C ILE A 185 12.74 18.26 1.29
N PRO A 186 13.05 16.95 1.32
CA PRO A 186 12.29 15.75 0.98
C PRO A 186 11.70 15.08 2.20
N VAL A 187 10.78 14.16 1.95
CA VAL A 187 10.25 13.28 3.00
C VAL A 187 10.90 11.92 2.75
N HIS A 188 10.75 10.98 3.67
CA HIS A 188 11.26 9.63 3.41
C HIS A 188 10.52 8.90 2.28
N GLY A 189 9.21 9.10 2.17
CA GLY A 189 8.44 8.39 1.16
C GLY A 189 6.96 8.68 1.21
N ILE A 190 6.25 8.19 0.21
CA ILE A 190 4.80 8.31 0.12
C ILE A 190 4.24 6.94 -0.28
N ARG A 191 3.12 6.54 0.35
CA ARG A 191 2.49 5.24 0.12
C ARG A 191 1.01 5.45 -0.23
N SER A 192 0.37 4.44 -0.81
CA SER A 192 -1.09 4.47 -1.05
C SER A 192 -1.58 3.04 -0.96
N VAL A 193 -2.46 2.79 -0.01
CA VAL A 193 -3.00 1.46 0.18
C VAL A 193 -4.39 1.29 -0.50
N GLY A 194 -5.00 2.40 -0.92
CA GLY A 194 -6.21 2.33 -1.72
C GLY A 194 -7.52 2.61 -1.02
N THR A 195 -7.49 2.83 0.29
CA THR A 195 -8.69 3.19 1.02
C THR A 195 -8.31 4.26 2.04
N ALA A 196 -9.16 5.27 2.16
CA ALA A 196 -8.88 6.40 3.05
C ALA A 196 -8.91 5.98 4.53
N ALA A 197 -9.81 5.07 4.87
CA ALA A 197 -10.04 4.67 6.26
C ALA A 197 -8.86 3.87 6.79
N VAL A 198 -8.33 2.99 5.95
CA VAL A 198 -7.15 2.19 6.28
C VAL A 198 -5.88 3.02 6.27
N ASN A 199 -5.79 3.97 5.34
CA ASN A 199 -4.67 4.90 5.29
C ASN A 199 -4.61 5.65 6.62
N MET A 200 -5.76 6.15 7.07
CA MET A 200 -5.80 6.89 8.33
C MET A 200 -5.51 5.95 9.50
N CYS A 201 -5.97 4.71 9.40
CA CYS A 201 -5.70 3.76 10.48
C CYS A 201 -4.21 3.43 10.60
N LEU A 202 -3.46 3.54 9.50
CA LEU A 202 -2.03 3.29 9.55
C LEU A 202 -1.30 4.46 10.20
N VAL A 203 -1.93 5.63 10.17
CA VAL A 203 -1.37 6.79 10.87
C VAL A 203 -1.56 6.60 12.37
N ALA A 204 -2.75 6.11 12.75
CA ALA A 204 -3.10 5.82 14.14
C ALA A 204 -2.14 4.81 14.80
N THR A 205 -1.70 3.82 14.03
CA THR A 205 -0.87 2.76 14.58
C THR A 205 0.56 3.27 14.77
N GLY A 206 0.88 4.38 14.11
CA GLY A 206 2.27 4.82 14.10
C GLY A 206 3.06 4.34 12.91
N GLY A 207 2.45 3.51 12.07
CA GLY A 207 3.11 3.03 10.86
C GLY A 207 3.50 4.13 9.88
N ALA A 208 2.58 5.07 9.65
CA ALA A 208 2.88 6.23 8.84
C ALA A 208 2.70 7.45 9.72
N ASP A 209 3.32 8.57 9.35
CA ASP A 209 3.31 9.75 10.21
C ASP A 209 2.17 10.71 9.90
N ALA A 210 1.65 10.66 8.67
CA ALA A 210 0.57 11.57 8.30
C ALA A 210 -0.09 11.15 7.01
N TYR A 211 -1.37 11.47 6.91
CA TYR A 211 -2.19 11.23 5.74
C TYR A 211 -2.81 12.59 5.33
N TYR A 212 -2.96 12.81 4.04
CA TYR A 212 -3.71 13.98 3.58
C TYR A 212 -4.43 13.59 2.29
N GLU A 213 -5.56 14.23 1.98
CA GLU A 213 -6.21 14.03 0.70
C GLU A 213 -7.28 15.07 0.49
N MET A 214 -7.52 15.43 -0.77
CA MET A 214 -8.68 16.23 -1.15
C MET A 214 -9.53 15.50 -2.19
N GLY A 215 -10.82 15.40 -1.90
CA GLY A 215 -11.76 14.69 -2.76
C GLY A 215 -12.51 13.57 -2.04
N ILE A 216 -12.11 13.27 -0.82
CA ILE A 216 -12.81 12.28 0.01
C ILE A 216 -14.22 12.75 0.36
N HIS A 217 -15.02 11.85 0.94
CA HIS A 217 -16.36 12.22 1.40
C HIS A 217 -16.49 11.92 2.89
N CYS A 218 -17.57 12.41 3.50
CA CYS A 218 -17.73 12.27 4.93
C CYS A 218 -17.76 10.81 5.37
N TRP A 219 -18.33 9.95 4.54
CA TRP A 219 -18.45 8.53 4.88
C TRP A 219 -17.11 7.80 4.76
N ASP A 220 -16.24 8.29 3.89
CA ASP A 220 -14.90 7.75 3.74
C ASP A 220 -14.14 7.87 5.07
N VAL A 221 -14.35 8.98 5.80
CA VAL A 221 -13.46 9.34 6.90
C VAL A 221 -14.10 9.47 8.28
N ALA A 222 -15.43 9.36 8.37
CA ALA A 222 -16.11 9.51 9.66
C ALA A 222 -15.69 8.48 10.71
N GLY A 223 -15.42 7.26 10.31
CA GLY A 223 -15.00 6.23 11.25
C GLY A 223 -13.57 6.40 11.75
N ALA A 224 -12.66 6.71 10.83
CA ALA A 224 -11.22 6.67 11.15
C ALA A 224 -10.68 7.93 11.81
N GLY A 225 -11.45 9.02 11.72
CA GLY A 225 -11.00 10.30 12.26
C GLY A 225 -10.77 10.24 13.75
N ILE A 226 -11.67 9.56 14.46
CA ILE A 226 -11.61 9.51 15.92
C ILE A 226 -10.64 8.44 16.39
N ILE A 227 -10.40 7.44 15.55
CA ILE A 227 -9.33 6.47 15.76
C ILE A 227 -7.94 7.15 15.76
N VAL A 228 -7.74 8.11 14.87
CA VAL A 228 -6.50 8.88 14.83
C VAL A 228 -6.34 9.82 16.03
N THR A 229 -7.40 10.57 16.36
CA THR A 229 -7.34 11.53 17.44
C THR A 229 -7.20 10.84 18.79
N GLU A 230 -7.89 9.72 18.97
CA GLU A 230 -7.76 8.94 20.21
C GLU A 230 -6.43 8.19 20.32
N ALA A 231 -5.70 8.10 19.22
CA ALA A 231 -4.35 7.54 19.26
C ALA A 231 -3.37 8.67 19.55
N GLY A 232 -3.91 9.89 19.66
CA GLY A 232 -3.11 11.05 19.97
C GLY A 232 -2.82 11.96 18.80
N GLY A 233 -3.42 11.69 17.64
CA GLY A 233 -3.19 12.54 16.47
C GLY A 233 -4.05 13.78 16.42
N VAL A 234 -3.93 14.53 15.32
CA VAL A 234 -4.76 15.71 15.05
C VAL A 234 -5.39 15.60 13.67
N LEU A 235 -6.58 16.19 13.52
CA LEU A 235 -7.21 16.39 12.21
C LEU A 235 -7.24 17.88 11.93
N MET A 236 -7.19 18.23 10.65
CA MET A 236 -7.12 19.61 10.26
C MET A 236 -7.47 19.68 8.78
N ASP A 237 -8.11 20.77 8.38
CA ASP A 237 -8.41 21.03 6.99
C ASP A 237 -7.08 21.31 6.31
N VAL A 238 -6.99 21.07 5.00
CA VAL A 238 -5.78 21.39 4.25
C VAL A 238 -5.49 22.90 4.22
N THR A 239 -6.51 23.71 4.49
CA THR A 239 -6.38 25.17 4.45
C THR A 239 -5.59 25.65 5.66
N GLY A 240 -5.46 24.75 6.65
CA GLY A 240 -4.89 25.13 7.93
C GLY A 240 -5.99 25.33 8.98
N GLY A 241 -7.22 25.51 8.52
CA GLY A 241 -8.33 25.69 9.44
C GLY A 241 -8.77 24.38 10.08
N PRO A 242 -9.85 24.40 10.87
CA PRO A 242 -10.24 23.21 11.61
C PRO A 242 -10.89 22.20 10.70
N PHE A 243 -10.83 20.93 11.07
CA PHE A 243 -11.41 19.87 10.27
C PHE A 243 -12.91 20.09 10.12
N ASP A 244 -13.38 19.97 8.88
CA ASP A 244 -14.78 20.05 8.57
C ASP A 244 -15.14 18.75 7.88
N LEU A 245 -15.96 17.95 8.55
CA LEU A 245 -16.34 16.62 8.07
C LEU A 245 -17.00 16.61 6.68
N MET A 246 -17.57 17.74 6.26
CA MET A 246 -18.28 17.85 4.98
C MET A 246 -17.52 18.57 3.85
N SER A 247 -16.27 18.95 4.12
CA SER A 247 -15.52 19.84 3.22
C SER A 247 -14.79 19.12 2.08
N ARG A 248 -14.82 17.79 2.09
CA ARG A 248 -14.07 16.99 1.09
C ARG A 248 -12.53 17.02 1.20
N ARG A 249 -12.02 17.58 2.30
CA ARG A 249 -10.58 17.78 2.49
C ARG A 249 -10.14 17.41 3.91
N VAL A 250 -8.95 16.81 4.07
CA VAL A 250 -8.49 16.32 5.37
C VAL A 250 -6.95 16.19 5.44
N ILE A 251 -6.38 16.63 6.55
CA ILE A 251 -5.08 16.16 7.02
C ILE A 251 -5.27 15.39 8.35
N ALA A 252 -4.79 14.16 8.40
CA ALA A 252 -4.75 13.41 9.66
C ALA A 252 -3.28 13.10 9.98
N ALA A 253 -2.70 13.84 10.94
CA ALA A 253 -1.27 13.74 11.22
C ALA A 253 -1.03 13.26 12.63
N ASN A 254 0.21 12.88 12.92
CA ASN A 254 0.60 12.52 14.28
C ASN A 254 0.60 13.73 15.21
N ASN A 255 0.97 14.89 14.69
CA ASN A 255 1.02 16.09 15.52
C ASN A 255 0.86 17.33 14.68
N ARG A 256 0.63 18.44 15.38
CA ARG A 256 0.24 19.72 14.77
C ARG A 256 1.36 20.30 13.93
N ILE A 257 2.60 19.96 14.27
CA ILE A 257 3.78 20.45 13.56
C ILE A 257 3.86 19.89 12.15
N LEU A 258 3.61 18.59 11.98
CA LEU A 258 3.54 18.00 10.65
C LEU A 258 2.31 18.47 9.87
N ALA A 259 1.15 18.43 10.50
CA ALA A 259 -0.10 18.87 9.86
C ALA A 259 0.06 20.28 9.27
N GLU A 260 0.61 21.19 10.06
CA GLU A 260 0.78 22.56 9.60
C GLU A 260 1.87 22.73 8.55
N ARG A 261 2.83 21.82 8.51
CA ARG A 261 3.89 21.92 7.53
C ARG A 261 3.41 21.44 6.16
N ILE A 262 2.60 20.39 6.15
CA ILE A 262 1.99 19.85 4.95
C ILE A 262 1.03 20.89 4.33
N ALA A 263 0.21 21.53 5.17
CA ALA A 263 -0.75 22.56 4.72
C ALA A 263 -0.01 23.70 4.04
N LYS A 264 1.11 24.08 4.62
CA LYS A 264 1.93 25.15 4.09
C LYS A 264 2.37 24.79 2.68
N GLU A 265 2.80 23.55 2.51
CA GLU A 265 3.33 23.11 1.23
C GLU A 265 2.29 23.00 0.10
N ILE A 266 1.12 22.45 0.39
CA ILE A 266 0.19 22.09 -0.68
C ILE A 266 -0.88 23.15 -0.98
N GLN A 267 -1.34 23.16 -2.23
CA GLN A 267 -2.38 24.07 -2.68
C GLN A 267 -3.73 23.40 -2.71
N VAL A 268 -4.77 24.16 -2.39
CA VAL A 268 -6.13 23.65 -2.31
C VAL A 268 -6.83 23.57 -3.66
N ILE A 269 -7.52 22.46 -3.88
CA ILE A 269 -8.36 22.25 -5.06
C ILE A 269 -9.81 22.63 -4.66
N PRO A 270 -10.51 23.40 -5.51
CA PRO A 270 -11.92 23.73 -5.25
C PRO A 270 -12.82 22.52 -5.40
N LEU A 271 -13.60 22.25 -4.35
CA LEU A 271 -14.43 21.04 -4.26
C LEU A 271 -15.84 21.42 -3.85
N GLN A 272 -16.82 20.67 -4.36
CA GLN A 272 -18.19 20.75 -3.90
C GLN A 272 -18.41 20.03 -2.56
N ARG A 273 -18.95 20.73 -1.58
CA ARG A 273 -19.16 20.15 -0.25
C ARG A 273 -20.18 19.04 -0.30
N ASP A 274 -20.14 18.19 0.71
CA ASP A 274 -21.04 17.05 0.79
C ASP A 274 -22.45 17.47 1.17
N ASP A 275 -22.54 18.57 1.91
CA ASP A 275 -23.83 19.07 2.36
C ASP A 275 -24.37 20.17 1.43
N GLU A 276 -23.86 20.22 0.21
CA GLU A 276 -24.36 21.13 -0.81
C GLU A 276 -24.78 20.32 -2.05
N ASP A 277 -25.97 20.40 -2.44
N TRP B 5 18.65 -28.72 -7.60
CA TRP B 5 18.49 -27.39 -6.94
C TRP B 5 17.40 -27.36 -5.89
N GLN B 6 16.65 -28.46 -5.77
CA GLN B 6 15.57 -28.55 -4.78
C GLN B 6 16.12 -28.50 -3.36
N GLU B 7 17.30 -29.07 -3.15
CA GLU B 7 17.96 -29.06 -1.85
C GLU B 7 18.29 -27.64 -1.47
N CYS B 8 18.93 -26.94 -2.41
CA CYS B 8 19.24 -25.52 -2.26
C CYS B 8 17.98 -24.73 -1.93
N MET B 9 16.89 -25.02 -2.63
CA MET B 9 15.63 -24.33 -2.41
C MET B 9 15.02 -24.62 -1.05
N ASP B 10 14.96 -25.89 -0.68
CA ASP B 10 14.49 -26.30 0.64
C ASP B 10 15.32 -25.59 1.71
N TYR B 11 16.62 -25.57 1.50
CA TYR B 11 17.52 -24.89 2.41
C TYR B 11 17.18 -23.39 2.48
N ALA B 12 16.88 -22.80 1.31
CA ALA B 12 16.63 -21.36 1.19
C ALA B 12 15.39 -20.91 1.96
N VAL B 13 14.34 -21.72 1.90
CA VAL B 13 13.09 -21.41 2.57
C VAL B 13 13.27 -21.40 4.09
N THR B 14 14.12 -22.30 4.56
CA THR B 14 14.50 -22.36 5.96
C THR B 14 15.28 -21.13 6.42
N LEU B 15 16.29 -20.73 5.65
CA LEU B 15 17.01 -19.49 5.90
C LEU B 15 16.11 -18.25 5.91
N ALA B 16 15.18 -18.18 4.95
CA ALA B 16 14.31 -17.00 4.85
C ALA B 16 13.40 -16.88 6.05
N ARG B 17 12.93 -18.02 6.55
CA ARG B 17 12.02 -18.01 7.70
C ARG B 17 12.74 -17.50 8.95
N GLN B 18 13.98 -17.93 9.13
CA GLN B 18 14.83 -17.53 10.23
C GLN B 18 15.20 -16.04 10.20
N ALA B 19 15.66 -15.55 9.06
CA ALA B 19 16.03 -14.14 8.92
C ALA B 19 14.79 -13.27 9.08
N GLY B 20 13.65 -13.78 8.62
CA GLY B 20 12.39 -13.09 8.79
C GLY B 20 11.99 -12.97 10.25
N GLU B 21 12.32 -13.99 11.03
CA GLU B 21 12.16 -13.95 12.48
C GLU B 21 12.98 -12.82 13.13
N VAL B 22 14.24 -12.70 12.73
CA VAL B 22 15.12 -11.64 13.22
C VAL B 22 14.58 -10.26 12.80
N VAL B 23 14.31 -10.10 11.51
CA VAL B 23 13.85 -8.81 10.99
C VAL B 23 12.58 -8.33 11.71
N CYS B 24 11.67 -9.26 11.99
CA CYS B 24 10.41 -8.92 12.60
C CYS B 24 10.45 -8.77 14.13
N GLU B 25 11.50 -9.25 14.78
CA GLU B 25 11.71 -8.90 16.19
C GLU B 25 12.38 -7.54 16.31
N ALA B 26 13.33 -7.27 15.43
CA ALA B 26 13.97 -5.95 15.39
C ALA B 26 12.99 -4.79 15.10
N ILE B 27 11.92 -5.05 14.36
CA ILE B 27 11.06 -3.97 13.89
C ILE B 27 10.37 -3.23 15.03
N LYS B 28 10.27 -3.88 16.18
CA LYS B 28 9.52 -3.29 17.29
C LYS B 28 10.45 -2.72 18.34
N ASN B 29 11.74 -2.88 18.14
CA ASN B 29 12.73 -2.38 19.06
C ASN B 29 13.32 -1.07 18.56
N GLU B 30 14.19 -0.48 19.36
CA GLU B 30 14.84 0.75 18.95
C GLU B 30 15.94 0.45 17.93
N MET B 31 16.05 1.32 16.93
CA MET B 31 16.95 1.09 15.83
C MET B 31 18.00 2.18 15.72
N ASN B 32 19.14 1.78 15.16
CA ASN B 32 20.19 2.70 14.72
C ASN B 32 20.05 2.92 13.21
N VAL B 33 19.59 4.10 12.80
CA VAL B 33 19.34 4.36 11.38
C VAL B 33 20.46 5.21 10.80
N MET B 34 21.22 4.61 9.87
CA MET B 34 22.34 5.28 9.22
C MET B 34 21.99 5.62 7.77
N LEU B 35 22.87 6.39 7.13
CA LEU B 35 22.65 6.88 5.77
C LEU B 35 23.59 6.20 4.79
N LYS B 36 23.06 5.79 3.64
CA LYS B 36 23.86 5.20 2.58
C LYS B 36 24.19 6.27 1.58
N SER B 37 23.53 6.29 0.42
CA SER B 37 23.95 7.21 -0.62
C SER B 37 23.30 8.60 -0.52
N SER B 38 22.32 8.74 0.37
CA SER B 38 21.73 10.05 0.59
C SER B 38 20.95 10.05 1.89
N PRO B 39 20.29 11.18 2.20
CA PRO B 39 19.51 11.28 3.43
C PRO B 39 18.25 10.43 3.43
N VAL B 40 17.82 10.03 2.23
CA VAL B 40 16.65 9.17 2.09
C VAL B 40 17.01 7.76 1.66
N ASP B 41 18.31 7.47 1.50
CA ASP B 41 18.75 6.11 1.26
C ASP B 41 19.32 5.53 2.54
N LEU B 42 18.57 4.66 3.22
CA LEU B 42 18.88 4.25 4.59
C LEU B 42 19.41 2.82 4.75
N VAL B 43 19.98 2.56 5.91
CA VAL B 43 20.38 1.22 6.32
C VAL B 43 20.46 1.21 7.86
N THR B 44 20.07 0.08 8.45
CA THR B 44 20.13 -0.08 9.88
C THR B 44 21.14 -1.18 10.15
N ALA B 45 21.48 -1.38 11.42
CA ALA B 45 22.31 -2.51 11.80
C ALA B 45 21.68 -3.86 11.40
N THR B 46 20.35 -3.96 11.40
CA THR B 46 19.71 -5.24 11.07
C THR B 46 19.90 -5.67 9.61
N ASP B 47 19.97 -4.72 8.67
CA ASP B 47 20.16 -5.08 7.27
C ASP B 47 21.51 -5.79 7.17
N GLN B 48 22.48 -5.21 7.84
CA GLN B 48 23.86 -5.65 7.77
C GLN B 48 24.05 -7.02 8.44
N LYS B 49 23.55 -7.20 9.65
CA LYS B 49 23.75 -8.46 10.34
C LYS B 49 22.94 -9.62 9.76
N VAL B 50 21.71 -9.35 9.31
CA VAL B 50 20.93 -10.37 8.59
C VAL B 50 21.61 -10.80 7.28
N GLU B 51 22.14 -9.85 6.52
CA GLU B 51 22.84 -10.19 5.29
C GLU B 51 24.07 -11.05 5.58
N LYS B 52 24.77 -10.72 6.67
CA LYS B 52 25.93 -11.51 7.17
C LYS B 52 25.56 -12.94 7.55
N MET B 53 24.48 -13.09 8.31
CA MET B 53 23.95 -14.41 8.65
C MET B 53 23.69 -15.23 7.40
N LEU B 54 22.99 -14.65 6.45
CA LEU B 54 22.54 -15.40 5.29
C LEU B 54 23.71 -15.86 4.44
N ILE B 55 24.64 -14.95 4.14
CA ILE B 55 25.77 -15.29 3.29
C ILE B 55 26.69 -16.34 3.90
N SER B 56 26.95 -16.26 5.20
CA SER B 56 27.83 -17.22 5.84
C SER B 56 27.16 -18.59 6.04
N SER B 57 25.86 -18.61 6.24
CA SER B 57 25.12 -19.86 6.32
C SER B 57 25.11 -20.60 4.99
N ILE B 58 25.02 -19.86 3.89
CA ILE B 58 24.99 -20.51 2.58
C ILE B 58 26.41 -20.95 2.20
N LYS B 59 27.38 -20.04 2.35
CA LYS B 59 28.78 -20.34 2.04
C LYS B 59 29.21 -21.66 2.68
N GLU B 60 28.74 -21.88 3.91
CA GLU B 60 29.06 -23.07 4.69
C GLU B 60 28.68 -24.34 3.94
N LYS B 61 27.44 -24.41 3.46
CA LYS B 61 26.98 -25.60 2.77
C LYS B 61 27.44 -25.64 1.32
N TYR B 62 27.62 -24.47 0.73
CA TYR B 62 27.77 -24.40 -0.71
C TYR B 62 28.90 -23.47 -1.07
N PRO B 63 30.13 -23.85 -0.71
CA PRO B 63 31.27 -22.94 -0.63
C PRO B 63 31.72 -22.44 -2.01
N SER B 64 31.28 -23.13 -3.06
CA SER B 64 31.65 -22.79 -4.43
C SER B 64 30.71 -21.76 -5.09
N HIS B 65 29.59 -21.48 -4.44
CA HIS B 65 28.58 -20.60 -5.02
C HIS B 65 29.01 -19.15 -4.86
N SER B 66 28.53 -18.32 -5.78
CA SER B 66 28.77 -16.89 -5.73
C SER B 66 27.58 -16.15 -5.09
N PHE B 67 27.84 -14.94 -4.61
CA PHE B 67 26.84 -14.11 -3.95
C PHE B 67 26.81 -12.72 -4.58
N ILE B 68 25.60 -12.15 -4.69
CA ILE B 68 25.43 -10.71 -4.82
C ILE B 68 24.47 -10.24 -3.73
N GLY B 69 24.91 -9.31 -2.91
CA GLY B 69 24.11 -8.88 -1.80
C GLY B 69 24.14 -7.37 -1.79
N GLU B 70 23.10 -6.76 -1.23
CA GLU B 70 23.03 -5.30 -1.24
C GLU B 70 24.14 -4.65 -0.39
N GLU B 71 24.22 -5.06 0.87
CA GLU B 71 25.14 -4.44 1.83
C GLU B 71 26.57 -4.83 1.53
N SER B 72 26.75 -6.01 0.97
CA SER B 72 28.04 -6.42 0.47
C SER B 72 28.51 -5.51 -0.65
N VAL B 73 27.68 -5.35 -1.67
CA VAL B 73 28.04 -4.47 -2.78
C VAL B 73 28.27 -3.05 -2.27
N ALA B 74 27.60 -2.70 -1.18
CA ALA B 74 27.85 -1.43 -0.48
C ALA B 74 29.23 -1.43 0.19
N ALA B 75 29.63 -2.57 0.74
CA ALA B 75 30.91 -2.70 1.43
C ALA B 75 32.08 -2.74 0.45
N GLY B 76 31.77 -2.71 -0.85
CA GLY B 76 32.80 -2.60 -1.86
C GLY B 76 32.86 -3.74 -2.86
N GLU B 77 32.15 -4.84 -2.60
CA GLU B 77 32.09 -5.96 -3.55
C GLU B 77 31.24 -5.58 -4.77
N LYS B 78 31.44 -6.26 -5.89
CA LYS B 78 30.88 -5.82 -7.18
C LYS B 78 29.68 -6.68 -7.62
N SER B 79 28.74 -6.08 -8.34
CA SER B 79 27.55 -6.81 -8.79
C SER B 79 27.78 -7.27 -10.22
N ILE B 80 28.55 -8.34 -10.38
CA ILE B 80 28.77 -8.92 -11.69
C ILE B 80 28.22 -10.37 -11.73
N LEU B 81 27.23 -10.58 -12.60
CA LEU B 81 26.56 -11.89 -12.68
C LEU B 81 27.24 -12.79 -13.70
N THR B 82 27.70 -13.96 -13.23
CA THR B 82 28.36 -14.93 -14.10
C THR B 82 27.50 -16.18 -14.21
N ASP B 83 28.02 -17.20 -14.90
CA ASP B 83 27.27 -18.42 -15.12
C ASP B 83 27.19 -19.29 -13.87
N ASN B 84 28.05 -19.01 -12.90
CA ASN B 84 28.12 -19.80 -11.68
C ASN B 84 26.83 -19.63 -10.85
N PRO B 85 26.39 -20.70 -10.13
CA PRO B 85 25.29 -20.55 -9.18
C PRO B 85 25.53 -19.35 -8.29
N THR B 86 24.56 -18.45 -8.31
CA THR B 86 24.69 -17.19 -7.60
C THR B 86 23.44 -16.92 -6.76
N TRP B 87 23.66 -16.61 -5.49
CA TRP B 87 22.57 -16.20 -4.62
C TRP B 87 22.48 -14.69 -4.64
N ILE B 88 21.29 -14.20 -4.92
CA ILE B 88 21.07 -12.77 -5.04
C ILE B 88 20.11 -12.36 -3.92
N ILE B 89 20.63 -11.57 -2.98
CA ILE B 89 20.06 -11.45 -1.65
C ILE B 89 19.71 -10.02 -1.28
N ASP B 90 18.46 -9.78 -0.89
CA ASP B 90 18.14 -8.52 -0.22
C ASP B 90 17.70 -8.89 1.18
N PRO B 91 18.46 -8.48 2.20
CA PRO B 91 18.16 -8.91 3.57
C PRO B 91 16.89 -8.26 4.09
N ILE B 92 16.72 -6.98 3.75
CA ILE B 92 15.47 -6.25 3.99
C ILE B 92 15.13 -5.40 2.77
N ASP B 93 14.20 -5.90 1.96
CA ASP B 93 13.55 -5.06 0.94
C ASP B 93 12.42 -4.23 1.56
N GLY B 94 12.58 -2.90 1.48
CA GLY B 94 11.67 -2.00 2.17
C GLY B 94 12.23 -1.47 3.47
N THR B 95 13.47 -0.99 3.43
CA THR B 95 14.17 -0.56 4.65
C THR B 95 13.51 0.70 5.24
N THR B 96 13.03 1.61 4.39
CA THR B 96 12.32 2.81 4.88
C THR B 96 11.02 2.47 5.62
N ASN B 97 10.33 1.44 5.15
CA ASN B 97 9.14 0.91 5.83
C ASN B 97 9.55 0.35 7.19
N PHE B 98 10.61 -0.46 7.20
CA PHE B 98 11.14 -1.09 8.40
C PHE B 98 11.40 -0.03 9.48
N VAL B 99 12.13 1.00 9.12
CA VAL B 99 12.47 2.08 10.06
C VAL B 99 11.20 2.73 10.64
N HIS B 100 10.13 2.76 9.85
CA HIS B 100 8.92 3.47 10.25
C HIS B 100 7.89 2.53 10.89
N ARG B 101 8.19 1.22 10.89
CA ARG B 101 7.22 0.20 11.29
C ARG B 101 5.96 0.19 10.40
N PHE B 102 6.13 0.56 9.14
CA PHE B 102 5.07 0.45 8.13
C PHE B 102 5.09 -1.00 7.65
N PRO B 103 3.95 -1.70 7.76
CA PRO B 103 3.96 -3.17 7.91
C PRO B 103 4.21 -4.01 6.63
N PHE B 104 5.12 -3.56 5.76
CA PHE B 104 5.54 -4.36 4.63
C PHE B 104 7.03 -4.36 4.49
N VAL B 105 7.67 -5.43 4.97
CA VAL B 105 9.10 -5.62 4.78
C VAL B 105 9.29 -7.05 4.31
N ALA B 106 10.13 -7.25 3.30
CA ALA B 106 10.38 -8.58 2.77
C ALA B 106 11.84 -9.02 2.90
N VAL B 107 12.07 -10.33 3.03
CA VAL B 107 13.39 -10.93 2.87
C VAL B 107 13.38 -11.64 1.50
N SER B 108 14.35 -11.33 0.65
CA SER B 108 14.31 -11.83 -0.71
C SER B 108 15.59 -12.59 -1.06
N ILE B 109 15.43 -13.77 -1.64
CA ILE B 109 16.56 -14.57 -2.09
C ILE B 109 16.23 -15.10 -3.46
N GLY B 110 17.02 -14.70 -4.47
CA GLY B 110 16.96 -15.34 -5.77
C GLY B 110 18.15 -16.25 -6.04
N PHE B 111 17.99 -17.21 -6.93
CA PHE B 111 19.06 -18.15 -7.21
C PHE B 111 19.20 -18.31 -8.71
N ALA B 112 20.36 -17.91 -9.25
CA ALA B 112 20.60 -17.94 -10.69
C ALA B 112 21.67 -18.96 -11.08
N VAL B 113 21.34 -19.80 -12.08
CA VAL B 113 22.35 -20.59 -12.77
C VAL B 113 22.33 -20.25 -14.26
N ASN B 114 23.52 -20.12 -14.84
CA ASN B 114 23.67 -19.66 -16.22
C ASN B 114 23.02 -18.32 -16.48
N LYS B 115 23.08 -17.45 -15.48
CA LYS B 115 22.48 -16.12 -15.51
C LYS B 115 20.96 -16.13 -15.67
N LYS B 116 20.33 -17.23 -15.28
CA LYS B 116 18.88 -17.35 -15.31
C LYS B 116 18.37 -17.76 -13.92
N ILE B 117 17.31 -17.11 -13.46
CA ILE B 117 16.72 -17.43 -12.16
C ILE B 117 16.05 -18.82 -12.18
N GLU B 118 16.40 -19.63 -11.19
CA GLU B 118 15.94 -21.01 -11.08
C GLU B 118 14.82 -21.11 -10.04
N PHE B 119 14.99 -20.44 -8.91
CA PHE B 119 13.94 -20.33 -7.91
C PHE B 119 14.05 -19.01 -7.16
N GLY B 120 12.98 -18.61 -6.48
CA GLY B 120 13.04 -17.43 -5.65
C GLY B 120 12.18 -17.60 -4.40
N VAL B 121 12.60 -16.96 -3.31
CA VAL B 121 11.85 -16.94 -2.07
C VAL B 121 11.68 -15.50 -1.57
N VAL B 122 10.44 -15.11 -1.29
CA VAL B 122 10.14 -13.80 -0.74
C VAL B 122 9.33 -14.05 0.51
N TYR B 123 9.89 -13.66 1.65
CA TYR B 123 9.22 -13.82 2.92
C TYR B 123 8.80 -12.46 3.47
N SER B 124 7.48 -12.24 3.53
CA SER B 124 6.91 -11.03 4.12
C SER B 124 6.52 -11.30 5.59
N CYS B 125 7.41 -10.96 6.50
CA CYS B 125 7.33 -11.49 7.86
C CYS B 125 6.22 -10.88 8.72
N VAL B 126 5.96 -9.58 8.57
CA VAL B 126 4.92 -8.96 9.36
C VAL B 126 3.55 -9.60 9.06
N GLU B 127 3.34 -10.00 7.80
CA GLU B 127 2.09 -10.67 7.41
C GLU B 127 2.12 -12.18 7.69
N GLY B 128 3.31 -12.75 7.76
CA GLY B 128 3.42 -14.20 7.88
C GLY B 128 3.15 -14.89 6.56
N LYS B 129 3.69 -14.33 5.48
CA LYS B 129 3.43 -14.83 4.13
C LYS B 129 4.71 -15.24 3.41
N MET B 130 4.78 -16.51 3.03
CA MET B 130 5.95 -17.04 2.34
C MET B 130 5.62 -17.30 0.88
N TYR B 131 6.19 -16.48 0.00
CA TYR B 131 6.12 -16.71 -1.44
C TYR B 131 7.32 -17.51 -1.92
N THR B 132 7.07 -18.56 -2.71
CA THR B 132 8.13 -19.39 -3.29
C THR B 132 7.78 -19.70 -4.75
N ALA B 133 8.81 -19.88 -5.58
CA ALA B 133 8.60 -20.38 -6.93
C ALA B 133 9.88 -21.00 -7.46
N ARG B 134 9.73 -22.12 -8.17
CA ARG B 134 10.82 -22.82 -8.85
C ARG B 134 10.49 -22.92 -10.33
N LYS B 135 11.49 -22.74 -11.18
CA LYS B 135 11.25 -22.75 -12.63
C LYS B 135 10.49 -24.01 -13.05
N GLY B 136 9.28 -23.81 -13.55
CA GLY B 136 8.52 -24.92 -14.10
C GLY B 136 7.63 -25.67 -13.12
N LYS B 137 7.67 -25.30 -11.84
CA LYS B 137 6.86 -25.99 -10.84
C LYS B 137 5.82 -25.09 -10.17
N GLY B 138 5.63 -23.88 -10.69
CA GLY B 138 4.58 -23.01 -10.20
C GLY B 138 4.98 -22.12 -9.02
N ALA B 139 4.11 -21.18 -8.66
CA ALA B 139 4.33 -20.24 -7.56
C ALA B 139 3.30 -20.48 -6.46
N PHE B 140 3.73 -20.36 -5.21
CA PHE B 140 2.87 -20.61 -4.06
C PHE B 140 3.03 -19.53 -3.01
N CYS B 141 1.94 -19.25 -2.32
CA CYS B 141 1.96 -18.46 -1.08
C CYS B 141 1.45 -19.34 0.03
N ASN B 142 2.30 -19.62 1.00
CA ASN B 142 1.96 -20.50 2.11
C ASN B 142 1.27 -21.76 1.59
N GLY B 143 1.86 -22.35 0.56
CA GLY B 143 1.38 -23.64 0.10
C GLY B 143 0.12 -23.61 -0.75
N GLN B 144 -0.37 -22.42 -1.06
CA GLN B 144 -1.43 -22.31 -2.05
C GLN B 144 -0.94 -21.70 -3.35
N LYS B 145 -1.42 -22.23 -4.48
CA LYS B 145 -0.90 -21.89 -5.79
C LYS B 145 -1.46 -20.55 -6.26
N LEU B 146 -0.63 -19.75 -6.93
CA LEU B 146 -1.00 -18.40 -7.30
C LEU B 146 -1.24 -18.33 -8.81
N GLN B 147 -2.05 -17.38 -9.25
CA GLN B 147 -2.25 -17.11 -10.66
C GLN B 147 -2.49 -15.60 -10.89
N VAL B 148 -1.84 -15.01 -11.89
CA VAL B 148 -2.10 -13.63 -12.24
C VAL B 148 -3.54 -13.44 -12.70
N SER B 149 -3.98 -12.18 -12.75
CA SER B 149 -5.30 -11.85 -13.26
C SER B 149 -5.39 -12.04 -14.79
N GLN B 150 -6.60 -11.93 -15.32
CA GLN B 150 -6.82 -12.15 -16.74
C GLN B 150 -7.09 -10.85 -17.50
N GLN B 151 -7.08 -9.71 -16.80
CA GLN B 151 -7.37 -8.44 -17.44
C GLN B 151 -6.40 -8.17 -18.58
N GLU B 152 -6.95 -7.74 -19.71
CA GLU B 152 -6.16 -7.40 -20.89
C GLU B 152 -6.45 -5.97 -21.33
N ASP B 153 -7.38 -5.33 -20.65
CA ASP B 153 -7.82 -3.99 -21.01
C ASP B 153 -7.24 -3.00 -20.01
N ILE B 154 -6.32 -2.17 -20.47
CA ILE B 154 -5.60 -1.23 -19.62
C ILE B 154 -6.52 -0.29 -18.86
N THR B 155 -7.63 0.12 -19.48
CA THR B 155 -8.54 1.08 -18.83
C THR B 155 -9.28 0.44 -17.65
N LYS B 156 -9.12 -0.86 -17.47
CA LYS B 156 -9.74 -1.54 -16.32
C LYS B 156 -8.69 -2.16 -15.38
N SER B 157 -7.46 -1.69 -15.49
CA SER B 157 -6.35 -2.31 -14.77
C SER B 157 -5.97 -1.52 -13.51
N LEU B 158 -5.37 -2.23 -12.55
CA LEU B 158 -4.87 -1.61 -11.30
C LEU B 158 -3.36 -1.84 -11.25
N LEU B 159 -2.59 -0.75 -11.17
CA LEU B 159 -1.13 -0.83 -11.28
C LEU B 159 -0.47 -0.57 -9.92
N VAL B 160 0.73 -1.11 -9.72
CA VAL B 160 1.53 -0.75 -8.56
C VAL B 160 2.85 -0.16 -9.03
N THR B 161 3.27 0.93 -8.40
CA THR B 161 4.60 1.45 -8.68
C THR B 161 5.13 2.17 -7.45
N GLU B 162 6.38 2.65 -7.52
CA GLU B 162 6.99 3.38 -6.41
C GLU B 162 7.56 4.68 -6.94
N LEU B 163 7.67 5.68 -6.09
CA LEU B 163 8.24 6.96 -6.51
C LEU B 163 9.79 6.98 -6.51
N GLY B 164 10.41 6.01 -5.83
CA GLY B 164 11.85 5.88 -5.88
C GLY B 164 12.67 6.57 -4.80
N SER B 165 13.95 6.24 -4.78
CA SER B 165 14.86 6.74 -3.74
C SER B 165 15.63 7.98 -4.18
N SER B 166 15.40 8.41 -5.41
CA SER B 166 16.04 9.62 -5.90
C SER B 166 15.22 10.86 -5.61
N ARG B 167 15.92 11.94 -5.28
CA ARG B 167 15.31 13.27 -5.20
C ARG B 167 15.96 14.27 -6.16
N THR B 168 16.62 13.76 -7.20
CA THR B 168 17.07 14.60 -8.29
C THR B 168 15.83 15.10 -9.02
N PRO B 169 15.72 16.42 -9.22
CA PRO B 169 14.46 17.06 -9.62
C PRO B 169 13.97 16.57 -10.97
N GLU B 170 14.91 16.44 -11.90
CA GLU B 170 14.60 16.04 -13.25
C GLU B 170 14.09 14.61 -13.25
N THR B 171 14.74 13.77 -12.45
CA THR B 171 14.34 12.38 -12.26
C THR B 171 12.96 12.28 -11.65
N VAL B 172 12.76 12.96 -10.53
CA VAL B 172 11.45 13.06 -9.88
C VAL B 172 10.38 13.53 -10.87
N ARG B 173 10.75 14.46 -11.75
CA ARG B 173 9.82 15.03 -12.71
C ARG B 173 9.39 14.00 -13.74
N MET B 174 10.34 13.19 -14.21
CA MET B 174 10.01 12.11 -15.14
C MET B 174 9.19 11.01 -14.50
N VAL B 175 9.45 10.71 -13.23
CA VAL B 175 8.67 9.70 -12.53
C VAL B 175 7.19 10.12 -12.43
N LEU B 176 6.96 11.38 -12.06
CA LEU B 176 5.61 11.85 -11.84
C LEU B 176 4.86 11.98 -13.15
N SER B 177 5.57 12.37 -14.21
CA SER B 177 4.92 12.51 -15.50
C SER B 177 4.66 11.17 -16.18
N ASN B 178 5.48 10.16 -15.89
CA ASN B 178 5.19 8.79 -16.34
C ASN B 178 3.90 8.29 -15.67
N MET B 179 3.72 8.64 -14.40
CA MET B 179 2.49 8.30 -13.67
C MET B 179 1.27 8.99 -14.27
N GLU B 180 1.41 10.29 -14.53
CA GLU B 180 0.31 11.09 -15.06
C GLU B 180 -0.21 10.55 -16.40
N LYS B 181 0.70 10.15 -17.27
CA LYS B 181 0.33 9.54 -18.53
C LYS B 181 -0.54 8.30 -18.32
N LEU B 182 -0.14 7.42 -17.39
CA LEU B 182 -0.89 6.20 -17.16
C LEU B 182 -2.21 6.49 -16.48
N PHE B 183 -2.17 7.36 -15.48
CA PHE B 183 -3.34 7.70 -14.68
C PHE B 183 -4.43 8.23 -15.59
N CYS B 184 -4.02 9.02 -16.57
CA CYS B 184 -4.96 9.72 -17.45
C CYS B 184 -5.42 8.93 -18.69
N ILE B 185 -5.02 7.67 -18.81
CA ILE B 185 -5.48 6.81 -19.88
C ILE B 185 -7.02 6.65 -19.95
N PRO B 186 -7.71 6.40 -18.83
CA PRO B 186 -7.32 6.20 -17.43
C PRO B 186 -7.16 4.72 -17.09
N VAL B 187 -6.43 4.43 -16.02
CA VAL B 187 -6.43 3.09 -15.42
C VAL B 187 -7.29 3.22 -14.16
N HIS B 188 -7.65 2.10 -13.54
CA HIS B 188 -8.52 2.11 -12.36
C HIS B 188 -7.85 2.73 -11.14
N GLY B 189 -6.53 2.53 -11.00
CA GLY B 189 -5.79 3.22 -9.96
C GLY B 189 -4.34 2.81 -9.91
N ILE B 190 -3.59 3.46 -9.02
CA ILE B 190 -2.21 3.10 -8.74
C ILE B 190 -1.99 3.02 -7.22
N ARG B 191 -1.29 1.96 -6.79
CA ARG B 191 -0.93 1.74 -5.39
C ARG B 191 0.61 1.67 -5.21
N SER B 192 1.07 1.79 -3.97
CA SER B 192 2.46 1.57 -3.55
C SER B 192 2.47 1.10 -2.11
N VAL B 193 3.08 -0.04 -1.83
CA VAL B 193 3.14 -0.55 -0.46
C VAL B 193 4.51 -0.33 0.15
N GLY B 194 5.50 0.00 -0.69
CA GLY B 194 6.78 0.47 -0.20
C GLY B 194 7.95 -0.47 -0.46
N THR B 195 7.69 -1.59 -1.13
CA THR B 195 8.74 -2.56 -1.43
C THR B 195 8.47 -3.20 -2.79
N ALA B 196 9.50 -3.25 -3.63
CA ALA B 196 9.43 -3.84 -4.96
C ALA B 196 9.06 -5.30 -4.96
N ALA B 197 9.61 -6.04 -3.99
CA ALA B 197 9.39 -7.48 -3.92
C ALA B 197 7.93 -7.81 -3.57
N VAL B 198 7.36 -7.05 -2.65
CA VAL B 198 5.98 -7.29 -2.26
C VAL B 198 4.99 -6.72 -3.29
N ASN B 199 5.34 -5.60 -3.92
CA ASN B 199 4.55 -5.06 -5.03
C ASN B 199 4.43 -6.13 -6.14
N MET B 200 5.54 -6.78 -6.46
CA MET B 200 5.57 -7.81 -7.49
C MET B 200 4.78 -9.06 -7.10
N CYS B 201 4.82 -9.43 -5.83
CA CYS B 201 4.08 -10.60 -5.36
C CYS B 201 2.58 -10.34 -5.38
N LEU B 202 2.17 -9.08 -5.25
CA LEU B 202 0.77 -8.73 -5.35
C LEU B 202 0.25 -8.88 -6.78
N VAL B 203 1.12 -8.62 -7.76
CA VAL B 203 0.84 -8.95 -9.16
C VAL B 203 0.61 -10.47 -9.35
N ALA B 204 1.48 -11.28 -8.74
CA ALA B 204 1.44 -12.75 -8.85
C ALA B 204 0.16 -13.34 -8.28
N THR B 205 -0.39 -12.69 -7.26
CA THR B 205 -1.61 -13.18 -6.62
C THR B 205 -2.83 -12.80 -7.47
N GLY B 206 -2.67 -11.80 -8.33
CA GLY B 206 -3.79 -11.30 -9.09
C GLY B 206 -4.44 -10.11 -8.39
N GLY B 207 -3.86 -9.66 -7.28
CA GLY B 207 -4.34 -8.46 -6.61
C GLY B 207 -4.17 -7.21 -7.46
N ALA B 208 -3.01 -7.08 -8.09
CA ALA B 208 -2.75 -6.02 -9.07
C ALA B 208 -2.53 -6.68 -10.44
N ASP B 209 -2.63 -5.89 -11.49
CA ASP B 209 -2.48 -6.42 -12.84
C ASP B 209 -1.08 -6.20 -13.39
N ALA B 210 -0.35 -5.21 -12.86
CA ALA B 210 0.97 -4.89 -13.37
C ALA B 210 1.76 -3.96 -12.46
N TYR B 211 3.08 -4.09 -12.56
CA TYR B 211 4.03 -3.35 -11.75
C TYR B 211 5.10 -2.81 -12.71
N TYR B 212 5.54 -1.58 -12.50
CA TYR B 212 6.69 -1.12 -13.27
C TYR B 212 7.51 -0.22 -12.37
N GLU B 213 8.82 -0.14 -12.61
CA GLU B 213 9.65 0.82 -11.93
C GLU B 213 10.99 0.97 -12.64
N MET B 214 11.58 2.14 -12.51
CA MET B 214 12.93 2.37 -12.99
C MET B 214 13.76 2.91 -11.82
N GLY B 215 14.81 2.19 -11.46
CA GLY B 215 15.65 2.62 -10.35
C GLY B 215 15.89 1.50 -9.36
N ILE B 216 15.16 0.39 -9.50
CA ILE B 216 15.36 -0.78 -8.65
C ILE B 216 16.74 -1.38 -8.86
N HIS B 217 17.14 -2.30 -7.97
CA HIS B 217 18.37 -3.05 -8.13
C HIS B 217 18.06 -4.52 -8.33
N CYS B 218 19.06 -5.26 -8.77
CA CYS B 218 18.87 -6.65 -9.12
C CYS B 218 18.46 -7.48 -7.90
N TRP B 219 18.97 -7.09 -6.73
CA TRP B 219 18.63 -7.81 -5.52
C TRP B 219 17.20 -7.53 -5.07
N ASP B 220 16.66 -6.38 -5.46
CA ASP B 220 15.29 -6.03 -5.08
C ASP B 220 14.26 -6.91 -5.80
N VAL B 221 14.59 -7.42 -6.98
CA VAL B 221 13.61 -8.07 -7.84
C VAL B 221 13.95 -9.49 -8.30
N ALA B 222 15.15 -9.98 -8.00
CA ALA B 222 15.54 -11.32 -8.40
C ALA B 222 14.70 -12.44 -7.77
N GLY B 223 14.26 -12.26 -6.53
CA GLY B 223 13.44 -13.27 -5.90
C GLY B 223 11.99 -13.29 -6.40
N ALA B 224 11.39 -12.12 -6.52
CA ALA B 224 9.97 -12.00 -6.89
C ALA B 224 9.70 -12.19 -8.38
N GLY B 225 10.72 -12.05 -9.21
CA GLY B 225 10.53 -12.18 -10.65
C GLY B 225 10.06 -13.56 -11.09
N ILE B 226 10.69 -14.61 -10.56
CA ILE B 226 10.28 -15.97 -10.91
C ILE B 226 8.91 -16.37 -10.34
N ILE B 227 8.47 -15.65 -9.31
CA ILE B 227 7.15 -15.87 -8.72
C ILE B 227 6.05 -15.33 -9.65
N VAL B 228 6.30 -14.18 -10.26
CA VAL B 228 5.34 -13.62 -11.18
C VAL B 228 5.21 -14.56 -12.40
N THR B 229 6.33 -15.01 -12.93
CA THR B 229 6.29 -15.71 -14.19
C THR B 229 5.77 -17.13 -13.99
N GLU B 230 6.04 -17.70 -12.83
CA GLU B 230 5.54 -19.02 -12.53
C GLU B 230 4.06 -18.94 -12.17
N ALA B 231 3.57 -17.72 -11.94
CA ALA B 231 2.16 -17.53 -11.68
C ALA B 231 1.43 -17.21 -12.97
N GLY B 232 2.16 -17.26 -14.09
CA GLY B 232 1.55 -16.98 -15.37
C GLY B 232 1.80 -15.59 -15.94
N GLY B 233 2.55 -14.76 -15.23
CA GLY B 233 2.81 -13.41 -15.71
C GLY B 233 4.04 -13.29 -16.59
N VAL B 234 4.45 -12.06 -16.83
CA VAL B 234 5.53 -11.81 -17.77
C VAL B 234 6.47 -10.74 -17.22
N LEU B 235 7.76 -10.87 -17.51
CA LEU B 235 8.75 -9.82 -17.22
C LEU B 235 9.27 -9.21 -18.53
N MET B 236 9.46 -7.89 -18.54
CA MET B 236 9.78 -7.18 -19.78
C MET B 236 10.61 -5.94 -19.43
N ASP B 237 11.53 -5.57 -20.31
CA ASP B 237 12.22 -4.27 -20.21
C ASP B 237 11.22 -3.18 -20.61
N VAL B 238 11.46 -1.93 -20.18
CA VAL B 238 10.56 -0.83 -20.51
C VAL B 238 10.62 -0.42 -21.99
N THR B 239 11.57 -0.96 -22.73
CA THR B 239 11.60 -0.81 -24.17
C THR B 239 10.60 -1.76 -24.84
N GLY B 240 10.01 -2.66 -24.06
CA GLY B 240 9.25 -3.73 -24.66
C GLY B 240 10.10 -4.95 -24.95
N GLY B 241 11.41 -4.80 -24.84
CA GLY B 241 12.29 -5.91 -25.08
C GLY B 241 12.34 -6.87 -23.92
N PRO B 242 13.32 -7.79 -23.92
CA PRO B 242 13.50 -8.84 -22.91
C PRO B 242 14.04 -8.25 -21.63
N PHE B 243 13.59 -8.81 -20.51
CA PHE B 243 13.97 -8.32 -19.18
C PHE B 243 15.48 -8.45 -19.04
N ASP B 244 16.11 -7.40 -18.53
CA ASP B 244 17.55 -7.45 -18.28
C ASP B 244 17.76 -7.15 -16.79
N LEU B 245 18.18 -8.20 -16.07
CA LEU B 245 18.19 -8.18 -14.60
C LEU B 245 19.08 -7.11 -14.00
N MET B 246 20.11 -6.71 -14.76
CA MET B 246 21.07 -5.73 -14.28
C MET B 246 20.79 -4.32 -14.78
N SER B 247 19.66 -4.11 -15.47
CA SER B 247 19.44 -2.83 -16.20
C SER B 247 18.77 -1.74 -15.36
N ARG B 248 18.18 -2.12 -14.23
CA ARG B 248 17.55 -1.18 -13.31
C ARG B 248 16.15 -0.74 -13.73
N ARG B 249 15.56 -1.45 -14.70
CA ARG B 249 14.19 -1.22 -15.14
C ARG B 249 13.46 -2.54 -15.20
N VAL B 250 12.18 -2.55 -14.83
CA VAL B 250 11.36 -3.75 -14.94
C VAL B 250 9.88 -3.42 -15.16
N ILE B 251 9.23 -4.20 -16.03
CA ILE B 251 7.77 -4.28 -16.08
C ILE B 251 7.39 -5.73 -15.76
N ALA B 252 6.63 -5.94 -14.70
CA ALA B 252 6.14 -7.27 -14.35
C ALA B 252 4.63 -7.24 -14.42
N ALA B 253 4.08 -8.04 -15.31
CA ALA B 253 2.67 -7.90 -15.65
C ALA B 253 1.98 -9.25 -15.70
N ASN B 254 0.65 -9.24 -15.64
CA ASN B 254 -0.15 -10.45 -15.81
C ASN B 254 0.01 -11.05 -17.22
N ASN B 255 0.15 -10.19 -18.23
CA ASN B 255 0.38 -10.65 -19.60
C ASN B 255 1.03 -9.59 -20.48
N ARG B 256 1.33 -9.98 -21.72
CA ARG B 256 2.11 -9.14 -22.65
C ARG B 256 1.28 -7.98 -23.16
N ILE B 257 -0.04 -8.13 -23.14
CA ILE B 257 -0.90 -7.06 -23.64
C ILE B 257 -0.75 -5.80 -22.78
N LEU B 258 -0.93 -5.96 -21.46
CA LEU B 258 -0.77 -4.83 -20.53
C LEU B 258 0.68 -4.39 -20.51
N ALA B 259 1.60 -5.34 -20.56
CA ALA B 259 3.03 -5.02 -20.46
C ALA B 259 3.46 -4.11 -21.59
N GLU B 260 2.97 -4.40 -22.79
CA GLU B 260 3.35 -3.63 -23.96
C GLU B 260 2.68 -2.27 -23.97
N ARG B 261 1.45 -2.21 -23.48
CA ARG B 261 0.78 -0.94 -23.33
C ARG B 261 1.50 0.03 -22.37
N ILE B 262 2.05 -0.49 -21.27
CA ILE B 262 2.76 0.38 -20.35
C ILE B 262 4.06 0.85 -20.98
N ALA B 263 4.81 -0.07 -21.61
CA ALA B 263 6.09 0.28 -22.24
C ALA B 263 5.88 1.40 -23.25
N LYS B 264 4.73 1.37 -23.91
CA LYS B 264 4.38 2.34 -24.94
C LYS B 264 4.19 3.72 -24.33
N GLU B 265 3.54 3.76 -23.17
CA GLU B 265 3.21 5.04 -22.57
C GLU B 265 4.38 5.73 -21.84
N ILE B 266 5.24 4.97 -21.18
CA ILE B 266 6.25 5.58 -20.30
C ILE B 266 7.55 5.92 -21.01
N GLN B 267 8.27 6.90 -20.48
CA GLN B 267 9.56 7.34 -21.02
C GLN B 267 10.70 6.77 -20.19
N VAL B 268 11.82 6.50 -20.85
CA VAL B 268 12.98 5.91 -20.19
C VAL B 268 13.77 6.93 -19.41
N ILE B 269 14.10 6.57 -18.17
CA ILE B 269 14.89 7.41 -17.29
C ILE B 269 16.32 6.83 -17.26
N PRO B 270 17.32 7.66 -17.61
CA PRO B 270 18.74 7.30 -17.58
C PRO B 270 19.26 6.90 -16.20
N LEU B 271 19.79 5.68 -16.09
CA LEU B 271 20.36 5.19 -14.84
C LEU B 271 21.62 4.42 -15.15
N GLN B 272 22.53 4.37 -14.18
CA GLN B 272 23.71 3.51 -14.26
C GLN B 272 23.32 2.06 -13.94
N ARG B 273 23.82 1.12 -14.74
CA ARG B 273 23.50 -0.29 -14.53
C ARG B 273 24.20 -0.87 -13.32
N ASP B 274 23.66 -1.96 -12.81
CA ASP B 274 24.27 -2.62 -11.66
C ASP B 274 25.63 -3.21 -12.04
N ASP B 275 25.81 -3.47 -13.33
CA ASP B 275 27.04 -4.11 -13.79
C ASP B 275 28.01 -3.10 -14.37
N GLU B 276 27.76 -1.81 -14.09
CA GLU B 276 28.68 -0.73 -14.45
C GLU B 276 29.21 -0.07 -13.18
N ASP B 277 30.14 0.76 -13.30
GD GD C . -17.62 2.92 -0.59
C1 IPD D . -12.70 6.01 -1.76
C2 IPD D . -11.38 5.38 -1.24
C3 IPD D . -10.15 6.00 -1.96
C4 IPD D . -10.14 7.54 -1.87
C5 IPD D . -11.48 8.16 -2.33
C6 IPD D . -12.67 7.54 -1.57
P1 IPD D . -14.79 4.45 -1.81
O1 IPD D . -13.85 5.43 -1.06
O2 IPD D . -11.24 5.56 0.17
O3 IPD D . -8.97 5.50 -1.35
O4 IPD D . -9.08 8.05 -2.68
O5 IPD D . -11.46 9.56 -2.11
O6 IPD D . -13.90 8.12 -2.04
O7 IPD D . -15.88 3.96 -0.92
O8 IPD D . -15.34 5.21 -3.02
O9 IPD D . -13.97 3.30 -2.35
GD GD E . 17.50 -3.64 1.18
C1 IPD F . 13.93 -0.42 -2.31
C2 IPD F . 12.45 -0.66 -2.16
C3 IPD F . 11.69 0.56 -2.72
C4 IPD F . 11.97 0.74 -4.20
C5 IPD F . 13.47 0.89 -4.45
C6 IPD F . 14.24 -0.29 -3.83
P1 IPD F . 15.44 -1.38 -0.43
O1 IPD F . 14.65 -1.56 -1.76
O2 IPD F . 12.07 -1.84 -2.86
O3 IPD F . 10.29 0.38 -2.51
O4 IPD F . 11.33 1.92 -4.67
O5 IPD F . 13.73 0.94 -5.85
O6 IPD F . 15.64 -0.10 -4.06
O7 IPD F . 16.16 -2.61 -0.07
O8 IPD F . 16.38 -0.22 -0.62
O9 IPD F . 14.45 -0.97 0.65
#